data_7T1L
#
_entry.id   7T1L
#
_cell.length_a   48.240
_cell.length_b   60.660
_cell.length_c   61.880
_cell.angle_alpha   90.000
_cell.angle_beta   90.000
_cell.angle_gamma   90.000
#
_symmetry.space_group_name_H-M   'P 21 21 21'
#
loop_
_entity.id
_entity.type
_entity.pdbx_description
1 polymer 'Tyrosine-protein kinase Fes/Fps'
2 polymer 'Synthetic phosphotyrosine-containing Ezrin-derived peptide'
3 non-polymer 'SODIUM ION'
4 non-polymer 'CHLORIDE ION'
5 water water
#
loop_
_entity_poly.entity_id
_entity_poly.type
_entity_poly.pdbx_seq_one_letter_code
_entity_poly.pdbx_strand_id
1 'polypeptide(L)'
;GKPLHEQLWYHGAIPRAEVAELLVHSGDFLVRESETVKGAYALSVLWDGLPRHFLIQSLDNLYRLEGEGFPSIPLLIDHL
LSTQQPLTKKSGVVLHRAVP
;
A,B
2 'polypeptide(L)' PPV(PTR)EPV C,D
#
loop_
_chem_comp.id
_chem_comp.type
_chem_comp.name
_chem_comp.formula
CL non-polymer 'CHLORIDE ION' 'Cl -1'
NA non-polymer 'SODIUM ION' 'Na 1'
#
# COMPACT_ATOMS: atom_id res chain seq x y z
N LYS A 2 -15.51 -16.23 10.76
CA LYS A 2 -14.63 -16.50 11.88
C LYS A 2 -13.51 -15.47 11.94
N PRO A 3 -12.81 -15.38 13.06
CA PRO A 3 -11.70 -14.42 13.16
C PRO A 3 -10.65 -14.69 12.10
N LEU A 4 -10.01 -13.59 11.66
CA LEU A 4 -8.91 -13.70 10.72
C LEU A 4 -7.87 -14.69 11.24
N HIS A 5 -7.55 -14.62 12.53
CA HIS A 5 -6.48 -15.47 13.04
C HIS A 5 -6.85 -16.96 13.08
N GLU A 6 -8.11 -17.32 12.83
CA GLU A 6 -8.52 -18.72 12.77
C GLU A 6 -8.60 -19.24 11.34
N GLN A 7 -8.30 -18.40 10.36
CA GLN A 7 -8.38 -18.82 8.98
C GLN A 7 -7.18 -19.69 8.62
N LEU A 8 -7.44 -20.68 7.75
CA LEU A 8 -6.43 -21.66 7.37
C LEU A 8 -5.16 -20.99 6.87
N TRP A 9 -5.31 -19.98 6.03
CA TRP A 9 -4.19 -19.34 5.34
C TRP A 9 -3.60 -18.14 6.07
N TYR A 10 -4.03 -17.83 7.29
CA TYR A 10 -3.57 -16.64 8.01
C TYR A 10 -2.45 -17.00 8.98
N HIS A 11 -1.29 -16.36 8.80
CA HIS A 11 -0.11 -16.67 9.60
C HIS A 11 0.35 -15.53 10.50
N GLY A 12 -0.39 -14.43 10.56
CA GLY A 12 -0.10 -13.38 11.50
C GLY A 12 1.17 -12.64 11.15
N ALA A 13 1.87 -12.17 12.19
CA ALA A 13 3.16 -11.52 12.00
C ALA A 13 4.21 -12.62 11.96
N ILE A 14 4.66 -12.97 10.75
CA ILE A 14 5.74 -13.94 10.63
C ILE A 14 6.91 -13.34 9.84
N PRO A 15 8.15 -13.74 10.13
CA PRO A 15 9.28 -13.15 9.42
C PRO A 15 9.39 -13.66 7.99
N ARG A 16 10.08 -12.86 7.17
CA ARG A 16 10.24 -13.19 5.76
C ARG A 16 10.87 -14.57 5.59
N ALA A 17 11.88 -14.88 6.40
CA ALA A 17 12.49 -16.20 6.34
C ALA A 17 11.43 -17.29 6.45
N GLU A 18 10.42 -17.09 7.30
CA GLU A 18 9.42 -18.12 7.51
C GLU A 18 8.40 -18.13 6.36
N VAL A 19 8.13 -16.97 5.75
CA VAL A 19 7.25 -16.95 4.57
C VAL A 19 7.91 -17.70 3.43
N ALA A 20 9.18 -17.37 3.17
CA ALA A 20 9.89 -18.03 2.07
C ALA A 20 9.96 -19.53 2.28
N GLU A 21 10.05 -19.99 3.54
CA GLU A 21 10.05 -21.42 3.82
C GLU A 21 8.67 -22.05 3.64
N LEU A 22 7.59 -21.29 3.91
CA LEU A 22 6.26 -21.87 3.84
C LEU A 22 5.72 -21.93 2.41
N LEU A 23 6.12 -20.99 1.56
CA LEU A 23 5.65 -20.96 0.16
C LEU A 23 6.65 -21.77 -0.66
N VAL A 24 6.21 -22.94 -1.12
CA VAL A 24 7.11 -23.93 -1.71
C VAL A 24 6.89 -24.07 -3.20
N HIS A 25 5.64 -24.09 -3.65
CA HIS A 25 5.28 -24.31 -5.04
C HIS A 25 4.43 -23.17 -5.56
N SER A 26 4.49 -22.98 -6.86
CA SER A 26 3.75 -21.90 -7.50
C SER A 26 2.27 -22.03 -7.17
N GLY A 27 1.66 -20.92 -6.79
CA GLY A 27 0.27 -20.92 -6.35
C GLY A 27 0.07 -21.07 -4.86
N ASP A 28 1.11 -21.40 -4.10
CA ASP A 28 1.02 -21.43 -2.66
C ASP A 28 0.89 -20.00 -2.16
N PHE A 29 0.03 -19.79 -1.16
CA PHE A 29 -0.16 -18.46 -0.60
C PHE A 29 -0.48 -18.48 0.88
N LEU A 30 -0.27 -17.33 1.49
CA LEU A 30 -0.71 -17.06 2.85
C LEU A 30 -1.03 -15.58 2.96
N VAL A 31 -1.71 -15.25 4.06
CA VAL A 31 -1.94 -13.87 4.45
C VAL A 31 -1.22 -13.62 5.76
N ARG A 32 -0.62 -12.44 5.90
CA ARG A 32 0.22 -12.10 7.04
C ARG A 32 0.07 -10.60 7.30
N GLU A 33 0.61 -10.17 8.44
CA GLU A 33 0.74 -8.75 8.70
C GLU A 33 1.92 -8.18 7.92
N SER A 34 1.76 -6.96 7.40
CA SER A 34 2.87 -6.24 6.81
C SER A 34 3.76 -5.71 7.93
N GLU A 35 5.08 -5.85 7.77
CA GLU A 35 5.99 -5.29 8.76
C GLU A 35 6.14 -3.78 8.59
N THR A 36 6.07 -3.30 7.35
CA THR A 36 6.42 -1.91 7.10
C THR A 36 5.24 -0.96 6.95
N VAL A 37 4.03 -1.49 6.75
CA VAL A 37 2.83 -0.68 6.58
C VAL A 37 1.95 -0.88 7.80
N LYS A 38 1.78 0.18 8.57
CA LYS A 38 1.07 0.13 9.86
C LYS A 38 -0.31 -0.49 9.71
N GLY A 39 -0.52 -1.60 10.41
CA GLY A 39 -1.82 -2.20 10.51
C GLY A 39 -2.28 -2.95 9.28
N ALA A 40 -1.45 -3.06 8.27
CA ALA A 40 -1.86 -3.60 6.98
C ALA A 40 -1.62 -5.11 6.92
N TYR A 41 -2.36 -5.77 6.03
CA TYR A 41 -2.15 -7.17 5.71
C TYR A 41 -1.60 -7.33 4.30
N ALA A 42 -0.80 -8.38 4.12
CA ALA A 42 -0.24 -8.73 2.84
C ALA A 42 -0.68 -10.15 2.46
N LEU A 43 -0.98 -10.30 1.17
CA LEU A 43 -1.22 -11.60 0.54
C LEU A 43 0.07 -11.95 -0.18
N SER A 44 0.74 -13.00 0.30
CA SER A 44 2.02 -13.43 -0.24
C SER A 44 1.80 -14.72 -1.01
N VAL A 45 2.26 -14.75 -2.26
CA VAL A 45 2.00 -15.88 -3.16
C VAL A 45 3.30 -16.21 -3.88
N LEU A 46 3.66 -17.49 -3.94
CA LEU A 46 4.80 -17.88 -4.77
C LEU A 46 4.31 -18.02 -6.21
N TRP A 47 4.98 -17.36 -7.13
CA TRP A 47 4.52 -17.37 -8.51
C TRP A 47 5.75 -17.42 -9.41
N ASP A 48 5.85 -18.48 -10.21
CA ASP A 48 6.94 -18.57 -11.17
C ASP A 48 8.29 -18.32 -10.50
N GLY A 49 8.46 -18.93 -9.32
CA GLY A 49 9.75 -18.90 -8.64
C GLY A 49 10.03 -17.64 -7.84
N LEU A 50 9.07 -16.72 -7.75
CA LEU A 50 9.34 -15.43 -7.14
C LEU A 50 8.24 -15.16 -6.12
N PRO A 51 8.56 -14.87 -4.87
CA PRO A 51 7.50 -14.46 -3.94
C PRO A 51 6.93 -13.13 -4.41
N ARG A 52 5.60 -13.06 -4.42
CA ARG A 52 4.89 -11.85 -4.76
C ARG A 52 4.06 -11.42 -3.56
N HIS A 53 4.06 -10.13 -3.25
CA HIS A 53 3.39 -9.62 -2.05
C HIS A 53 2.42 -8.52 -2.46
N PHE A 54 1.15 -8.73 -2.13
CA PHE A 54 0.09 -7.78 -2.46
C PHE A 54 -0.45 -7.20 -1.15
N LEU A 55 -0.36 -5.88 -0.96
CA LEU A 55 -1.04 -5.26 0.17
C LEU A 55 -2.55 -5.35 -0.03
N ILE A 56 -3.26 -5.74 1.01
CA ILE A 56 -4.71 -5.91 0.92
C ILE A 56 -5.30 -4.54 1.21
N GLN A 57 -5.81 -3.89 0.18
CA GLN A 57 -6.35 -2.54 0.32
C GLN A 57 -7.83 -2.56 0.72
N SER A 58 -8.30 -1.41 1.16
CA SER A 58 -9.71 -1.28 1.48
C SER A 58 -10.18 0.12 1.16
N LEU A 59 -11.40 0.19 0.66
CA LEU A 59 -12.04 1.47 0.34
C LEU A 59 -13.52 1.29 0.56
N ASP A 60 -14.13 2.21 1.30
CA ASP A 60 -15.56 2.14 1.59
C ASP A 60 -15.91 0.80 2.20
N ASN A 61 -15.04 0.33 3.11
CA ASN A 61 -15.28 -0.86 3.90
C ASN A 61 -15.27 -2.13 3.06
N LEU A 62 -14.62 -2.10 1.91
CA LEU A 62 -14.50 -3.26 1.05
C LEU A 62 -13.03 -3.53 0.79
N TYR A 63 -12.62 -4.78 1.02
CA TYR A 63 -11.25 -5.22 0.83
C TYR A 63 -11.04 -5.66 -0.60
N ARG A 64 -9.89 -5.28 -1.17
CA ARG A 64 -9.73 -5.47 -2.61
C ARG A 64 -8.27 -5.29 -3.00
N LEU A 65 -7.95 -5.87 -4.16
CA LEU A 65 -6.64 -5.73 -4.80
C LEU A 65 -6.69 -4.87 -6.06
N GLU A 66 -7.82 -4.83 -6.76
CA GLU A 66 -7.91 -4.05 -7.99
C GLU A 66 -9.37 -3.79 -8.32
N GLY A 67 -10.11 -4.85 -8.61
CA GLY A 67 -11.52 -4.73 -8.87
C GLY A 67 -12.31 -4.52 -7.61
N GLU A 68 -13.63 -4.47 -7.79
CA GLU A 68 -14.53 -4.24 -6.67
C GLU A 68 -14.36 -5.34 -5.63
N GLY A 69 -14.49 -4.97 -4.36
CA GLY A 69 -14.05 -5.78 -3.27
C GLY A 69 -15.15 -6.50 -2.51
N PHE A 70 -14.81 -6.92 -1.29
CA PHE A 70 -15.61 -7.80 -0.46
C PHE A 70 -15.64 -7.26 0.96
N PRO A 71 -16.69 -7.56 1.71
CA PRO A 71 -16.78 -6.99 3.07
C PRO A 71 -15.78 -7.52 4.05
N SER A 72 -15.07 -8.60 3.72
CA SER A 72 -14.05 -9.09 4.64
C SER A 72 -12.91 -9.68 3.84
N ILE A 73 -11.77 -9.82 4.51
CA ILE A 73 -10.61 -10.46 3.87
C ILE A 73 -10.91 -11.92 3.55
N PRO A 74 -11.53 -12.70 4.42
CA PRO A 74 -11.82 -14.10 4.04
C PRO A 74 -12.69 -14.19 2.79
N LEU A 75 -13.65 -13.27 2.62
CA LEU A 75 -14.47 -13.36 1.42
C LEU A 75 -13.67 -13.06 0.16
N LEU A 76 -12.73 -12.12 0.25
CA LEU A 76 -11.82 -11.87 -0.88
C LEU A 76 -10.98 -13.09 -1.22
N ILE A 77 -10.37 -13.70 -0.20
CA ILE A 77 -9.53 -14.88 -0.44
C ILE A 77 -10.35 -16.01 -1.04
N ASP A 78 -11.53 -16.26 -0.47
CA ASP A 78 -12.38 -17.31 -0.98
C ASP A 78 -12.72 -17.08 -2.45
N HIS A 79 -12.99 -15.84 -2.82
CA HIS A 79 -13.32 -15.55 -4.20
C HIS A 79 -12.12 -15.87 -5.09
N LEU A 80 -10.93 -15.43 -4.69
CA LEU A 80 -9.75 -15.66 -5.53
C LEU A 80 -9.44 -17.15 -5.65
N LEU A 81 -9.54 -17.88 -4.54
CA LEU A 81 -9.24 -19.31 -4.58
C LEU A 81 -10.30 -20.10 -5.36
N SER A 82 -11.57 -19.73 -5.24
N SER A 82 -11.57 -19.73 -5.24
CA SER A 82 -12.60 -20.53 -5.91
CA SER A 82 -12.60 -20.50 -5.91
C SER A 82 -12.65 -20.26 -7.40
C SER A 82 -12.56 -20.28 -7.42
N THR A 83 -12.34 -19.05 -7.84
CA THR A 83 -12.45 -18.71 -9.26
C THR A 83 -11.14 -18.82 -10.02
N GLN A 84 -9.99 -18.82 -9.33
N GLN A 84 -10.00 -18.80 -9.31
CA GLN A 84 -8.67 -18.85 -9.95
CA GLN A 84 -8.69 -18.87 -9.94
C GLN A 84 -8.43 -17.63 -10.83
C GLN A 84 -8.50 -17.69 -10.90
N GLN A 85 -9.14 -16.56 -10.61
CA GLN A 85 -8.92 -15.37 -11.41
C GLN A 85 -7.69 -14.63 -10.91
N PRO A 86 -7.00 -13.96 -11.82
CA PRO A 86 -5.76 -13.32 -11.42
C PRO A 86 -5.99 -12.25 -10.37
N LEU A 87 -5.02 -12.10 -9.47
CA LEU A 87 -5.12 -11.10 -8.41
C LEU A 87 -5.23 -9.71 -8.98
N THR A 88 -4.46 -9.42 -10.02
CA THR A 88 -4.64 -8.22 -10.81
C THR A 88 -4.43 -8.59 -12.27
N LYS A 89 -4.99 -7.78 -13.16
CA LYS A 89 -4.84 -8.05 -14.59
C LYS A 89 -3.38 -8.10 -15.01
N LYS A 90 -2.60 -7.14 -14.52
CA LYS A 90 -1.21 -7.03 -14.97
C LYS A 90 -0.36 -8.17 -14.42
N SER A 91 -0.62 -8.60 -13.18
CA SER A 91 0.30 -9.56 -12.56
C SER A 91 0.06 -10.98 -13.06
N GLY A 92 -1.18 -11.36 -13.31
CA GLY A 92 -1.49 -12.74 -13.69
C GLY A 92 -1.26 -13.79 -12.61
N VAL A 93 -1.05 -13.38 -11.38
CA VAL A 93 -0.81 -14.32 -10.29
C VAL A 93 -2.14 -14.94 -9.89
N VAL A 94 -2.13 -16.23 -9.56
CA VAL A 94 -3.35 -16.98 -9.23
C VAL A 94 -3.12 -17.75 -7.94
N LEU A 95 -4.14 -17.79 -7.08
CA LEU A 95 -4.07 -18.59 -5.87
C LEU A 95 -4.47 -20.03 -6.14
N HIS A 96 -3.69 -20.98 -5.63
CA HIS A 96 -4.03 -22.39 -5.76
C HIS A 96 -4.06 -23.16 -4.46
N ARG A 97 -3.20 -22.84 -3.50
N ARG A 97 -3.18 -22.86 -3.50
CA ARG A 97 -3.10 -23.63 -2.28
CA ARG A 97 -3.10 -23.63 -2.28
C ARG A 97 -2.89 -22.73 -1.07
N ALA A 98 -3.85 -22.74 -0.16
CA ALA A 98 -3.72 -22.08 1.13
C ALA A 98 -2.74 -22.87 1.98
N VAL A 99 -1.62 -22.25 2.34
CA VAL A 99 -0.64 -22.96 3.13
C VAL A 99 -1.11 -23.02 4.58
N PRO A 100 -1.26 -24.23 5.15
CA PRO A 100 -1.75 -24.33 6.53
C PRO A 100 -0.61 -24.22 7.55
N GLY B 1 2.15 22.80 -13.52
CA GLY B 1 1.67 21.90 -14.60
C GLY B 1 0.65 20.87 -14.14
N LYS B 2 0.15 20.06 -15.09
CA LYS B 2 -0.74 18.96 -14.75
C LYS B 2 0.04 17.73 -14.33
N PRO B 3 1.16 17.42 -14.98
CA PRO B 3 1.87 16.19 -14.61
C PRO B 3 2.58 16.30 -13.26
N LEU B 4 2.68 15.14 -12.61
CA LEU B 4 3.41 15.05 -11.35
C LEU B 4 4.84 15.56 -11.50
N HIS B 5 5.48 15.27 -12.61
CA HIS B 5 6.90 15.56 -12.72
C HIS B 5 7.20 17.05 -12.78
N GLU B 6 6.20 17.89 -13.09
CA GLU B 6 6.41 19.33 -13.17
C GLU B 6 6.27 20.04 -11.83
N GLN B 7 5.90 19.33 -10.76
CA GLN B 7 5.55 19.99 -9.53
C GLN B 7 6.78 20.28 -8.69
N LEU B 8 6.77 21.45 -8.04
CA LEU B 8 7.94 21.86 -7.29
C LEU B 8 8.25 20.90 -6.15
N TRP B 9 7.22 20.30 -5.54
CA TRP B 9 7.37 19.40 -4.40
C TRP B 9 7.62 17.94 -4.80
N TYR B 10 7.76 17.65 -6.10
CA TYR B 10 8.00 16.29 -6.55
C TYR B 10 9.50 16.04 -6.69
N HIS B 11 9.98 14.97 -6.06
CA HIS B 11 11.41 14.68 -6.02
C HIS B 11 11.77 13.36 -6.67
N GLY B 12 10.83 12.67 -7.32
CA GLY B 12 11.17 11.49 -8.07
C GLY B 12 11.68 10.38 -7.18
N ALA B 13 12.68 9.66 -7.66
CA ALA B 13 13.18 8.46 -6.96
C ALA B 13 14.28 8.88 -6.00
N ILE B 14 13.87 9.32 -4.82
CA ILE B 14 14.78 9.57 -3.70
C ILE B 14 14.44 8.63 -2.56
N PRO B 15 15.41 8.12 -1.82
CA PRO B 15 15.09 7.19 -0.73
C PRO B 15 14.67 7.93 0.53
N ARG B 16 13.99 7.20 1.41
CA ARG B 16 13.61 7.76 2.71
C ARG B 16 14.79 8.43 3.40
N ALA B 17 15.98 7.82 3.34
CA ALA B 17 17.12 8.39 4.04
C ALA B 17 17.42 9.81 3.57
N GLU B 18 17.20 10.10 2.31
CA GLU B 18 17.45 11.46 1.86
C GLU B 18 16.31 12.39 2.20
N VAL B 19 15.09 11.86 2.37
CA VAL B 19 13.96 12.69 2.79
C VAL B 19 14.28 13.43 4.09
N ALA B 20 14.93 12.76 5.03
CA ALA B 20 15.26 13.40 6.28
C ALA B 20 16.22 14.56 6.11
N GLU B 21 17.01 14.57 5.03
CA GLU B 21 17.90 15.70 4.78
C GLU B 21 17.13 16.89 4.24
N LEU B 22 15.98 16.66 3.59
CA LEU B 22 15.27 17.72 2.90
C LEU B 22 14.18 18.35 3.73
N LEU B 23 13.53 17.58 4.58
CA LEU B 23 12.44 18.08 5.42
C LEU B 23 13.02 18.67 6.70
N VAL B 24 12.75 19.95 6.95
CA VAL B 24 13.43 20.72 8.00
C VAL B 24 12.49 21.03 9.16
N HIS B 25 11.31 21.52 8.84
CA HIS B 25 10.37 21.98 9.84
C HIS B 25 9.09 21.15 9.73
N SER B 26 8.35 21.05 10.83
CA SER B 26 7.07 20.38 10.80
C SER B 26 6.21 21.01 9.71
N GLY B 27 5.55 20.17 8.96
CA GLY B 27 4.71 20.59 7.86
C GLY B 27 5.41 20.65 6.53
N ASP B 28 6.74 20.55 6.52
CA ASP B 28 7.46 20.44 5.27
C ASP B 28 7.10 19.12 4.63
N PHE B 29 6.94 19.10 3.31
CA PHE B 29 6.58 17.87 2.64
C PHE B 29 7.15 17.79 1.23
N LEU B 30 7.18 16.56 0.73
CA LEU B 30 7.52 16.28 -0.65
C LEU B 30 6.79 15.01 -1.05
N VAL B 31 6.75 14.78 -2.36
CA VAL B 31 6.26 13.53 -2.94
C VAL B 31 7.41 12.87 -3.68
N ARG B 32 7.50 11.54 -3.56
CA ARG B 32 8.60 10.77 -4.11
C ARG B 32 8.08 9.40 -4.53
N GLU B 33 8.87 8.67 -5.30
CA GLU B 33 8.56 7.28 -5.54
C GLU B 33 8.79 6.50 -4.26
N SER B 34 7.95 5.49 -4.03
CA SER B 34 8.20 4.53 -2.97
C SER B 34 9.24 3.54 -3.43
N GLU B 35 10.24 3.28 -2.60
CA GLU B 35 11.30 2.32 -2.95
C GLU B 35 10.75 0.89 -2.89
N THR B 36 9.78 0.60 -2.02
CA THR B 36 9.38 -0.76 -1.78
C THR B 36 8.05 -1.12 -2.40
N VAL B 37 7.27 -0.15 -2.87
CA VAL B 37 5.99 -0.44 -3.51
C VAL B 37 6.05 -0.06 -4.98
N LYS B 38 5.86 -1.05 -5.84
CA LYS B 38 5.98 -0.85 -7.29
C LYS B 38 5.00 0.18 -7.78
N GLY B 39 5.51 1.16 -8.52
CA GLY B 39 4.66 2.13 -9.19
C GLY B 39 4.01 3.15 -8.27
N ALA B 40 4.28 3.10 -6.98
CA ALA B 40 3.56 3.93 -6.04
C ALA B 40 4.39 5.13 -5.64
N TYR B 41 3.70 6.17 -5.26
CA TYR B 41 4.29 7.37 -4.70
C TYR B 41 3.95 7.49 -3.24
N ALA B 42 4.86 8.12 -2.50
CA ALA B 42 4.67 8.40 -1.09
C ALA B 42 4.68 9.91 -0.88
N LEU B 43 3.77 10.37 -0.02
CA LEU B 43 3.79 11.73 0.51
C LEU B 43 4.53 11.67 1.84
N SER B 44 5.67 12.37 1.91
CA SER B 44 6.50 12.39 3.10
C SER B 44 6.43 13.77 3.73
N VAL B 45 6.15 13.80 5.03
CA VAL B 45 5.91 15.04 5.75
C VAL B 45 6.61 14.96 7.09
N LEU B 46 7.24 16.06 7.50
CA LEU B 46 7.77 16.09 8.86
C LEU B 46 6.69 16.52 9.85
N TRP B 47 6.62 15.82 10.98
CA TRP B 47 5.64 16.17 12.01
C TRP B 47 6.13 15.70 13.36
N ASP B 48 6.12 16.60 14.35
CA ASP B 48 6.48 16.20 15.71
C ASP B 48 7.88 15.58 15.73
N GLY B 49 8.77 16.08 14.88
CA GLY B 49 10.15 15.65 14.82
C GLY B 49 10.42 14.38 14.05
N LEU B 50 9.42 13.79 13.42
CA LEU B 50 9.56 12.48 12.78
C LEU B 50 9.07 12.59 11.35
N PRO B 51 9.78 12.05 10.37
CA PRO B 51 9.18 11.93 9.03
C PRO B 51 8.05 10.93 9.05
N ARG B 52 6.94 11.31 8.40
CA ARG B 52 5.77 10.45 8.26
C ARG B 52 5.55 10.21 6.78
N HIS B 53 5.29 8.95 6.42
CA HIS B 53 5.23 8.56 5.02
C HIS B 53 3.88 7.94 4.73
N PHE B 54 3.18 8.51 3.77
CA PHE B 54 1.83 8.08 3.42
C PHE B 54 1.86 7.55 1.98
N LEU B 55 1.52 6.28 1.80
CA LEU B 55 1.40 5.73 0.44
C LEU B 55 0.16 6.29 -0.21
N ILE B 56 0.32 6.78 -1.42
CA ILE B 56 -0.82 7.29 -2.18
C ILE B 56 -1.43 6.13 -2.95
N GLN B 57 -2.68 5.82 -2.65
CA GLN B 57 -3.37 4.71 -3.28
C GLN B 57 -4.13 5.17 -4.52
N SER B 58 -4.41 4.21 -5.43
CA SER B 58 -4.98 4.60 -6.72
C SER B 58 -6.13 3.71 -7.18
N LEU B 59 -6.89 3.13 -6.26
CA LEU B 59 -8.03 2.32 -6.65
C LEU B 59 -9.01 3.13 -7.49
N ASP B 60 -9.58 2.50 -8.49
CA ASP B 60 -10.58 3.11 -9.37
C ASP B 60 -10.02 4.32 -10.11
N ASN B 61 -8.70 4.33 -10.30
CA ASN B 61 -7.99 5.41 -11.00
C ASN B 61 -8.19 6.77 -10.36
N LEU B 62 -8.36 6.80 -9.05
CA LEU B 62 -8.40 8.04 -8.29
C LEU B 62 -7.33 7.95 -7.21
N TYR B 63 -6.59 9.03 -7.04
CA TYR B 63 -5.50 9.06 -6.08
C TYR B 63 -6.01 9.54 -4.73
N ARG B 64 -5.67 8.83 -3.67
CA ARG B 64 -6.21 9.17 -2.33
C ARG B 64 -5.31 8.68 -1.21
N LEU B 65 -5.36 9.32 -0.05
CA LEU B 65 -4.62 8.89 1.19
C LEU B 65 -5.65 8.04 1.97
N GLU B 66 -6.86 8.59 2.14
CA GLU B 66 -8.00 7.98 2.91
C GLU B 66 -9.38 8.56 2.45
N GLY B 67 -10.33 7.74 1.97
CA GLY B 67 -11.68 8.23 1.59
C GLY B 67 -11.69 8.90 0.20
N GLU B 68 -11.74 10.23 0.07
CA GLU B 68 -12.00 10.96 -1.24
C GLU B 68 -10.77 10.88 -2.15
N GLY B 69 -11.05 10.71 -3.43
CA GLY B 69 -10.00 10.55 -4.42
C GLY B 69 -9.95 11.67 -5.44
N PHE B 70 -8.84 11.77 -6.16
CA PHE B 70 -8.57 12.87 -7.07
C PHE B 70 -8.03 12.35 -8.38
N PRO B 71 -8.25 13.09 -9.47
CA PRO B 71 -7.78 12.61 -10.79
C PRO B 71 -6.28 12.52 -10.93
N SER B 72 -5.53 13.22 -10.08
CA SER B 72 -4.08 13.28 -10.23
C SER B 72 -3.50 13.52 -8.86
N ILE B 73 -2.22 13.22 -8.71
CA ILE B 73 -1.54 13.47 -7.44
C ILE B 73 -1.41 14.98 -7.21
N PRO B 74 -1.09 15.80 -8.23
CA PRO B 74 -1.10 17.25 -7.98
C PRO B 74 -2.43 17.77 -7.46
N LEU B 75 -3.55 17.28 -7.99
CA LEU B 75 -4.86 17.72 -7.48
C LEU B 75 -5.06 17.30 -6.02
N LEU B 76 -4.64 16.08 -5.67
CA LEU B 76 -4.71 15.67 -4.26
C LEU B 76 -3.87 16.58 -3.37
N ILE B 77 -2.62 16.86 -3.78
CA ILE B 77 -1.74 17.70 -2.96
C ILE B 77 -2.31 19.13 -2.83
N ASP B 78 -2.75 19.70 -3.94
CA ASP B 78 -3.34 21.04 -3.88
C ASP B 78 -4.49 21.07 -2.87
N HIS B 79 -5.33 20.02 -2.86
CA HIS B 79 -6.44 19.94 -1.91
C HIS B 79 -5.95 19.80 -0.46
N LEU B 80 -4.97 18.94 -0.21
CA LEU B 80 -4.48 18.80 1.16
C LEU B 80 -3.85 20.09 1.67
N LEU B 81 -3.08 20.78 0.82
CA LEU B 81 -2.41 22.00 1.27
C LEU B 81 -3.42 23.13 1.48
N SER B 82 -4.40 23.26 0.59
CA SER B 82 -5.36 24.35 0.74
C SER B 82 -6.31 24.12 1.93
N THR B 83 -6.71 22.88 2.17
CA THR B 83 -7.61 22.61 3.29
C THR B 83 -6.89 22.57 4.62
N GLN B 84 -5.60 22.25 4.58
CA GLN B 84 -4.84 21.96 5.78
C GLN B 84 -5.56 20.92 6.61
N GLN B 85 -6.19 19.97 5.93
CA GLN B 85 -6.87 18.88 6.63
C GLN B 85 -5.84 17.89 7.19
N PRO B 86 -6.20 17.18 8.25
CA PRO B 86 -5.41 16.01 8.64
C PRO B 86 -5.32 15.04 7.47
N LEU B 87 -4.09 14.64 7.11
CA LEU B 87 -3.93 13.75 5.97
C LEU B 87 -4.80 12.51 6.12
N THR B 88 -4.88 12.00 7.36
CA THR B 88 -5.89 11.04 7.79
C THR B 88 -6.45 11.60 9.08
N LYS B 89 -7.70 11.27 9.37
CA LYS B 89 -8.36 11.87 10.54
C LYS B 89 -7.62 11.56 11.83
N LYS B 90 -7.06 10.36 11.96
CA LYS B 90 -6.37 10.01 13.18
C LYS B 90 -5.00 10.70 13.28
N SER B 91 -4.31 10.88 12.15
CA SER B 91 -2.91 11.30 12.23
C SER B 91 -2.76 12.77 12.64
N GLY B 92 -3.71 13.62 12.28
CA GLY B 92 -3.54 15.04 12.54
C GLY B 92 -2.40 15.70 11.82
N VAL B 93 -1.68 14.98 10.96
CA VAL B 93 -0.59 15.55 10.20
C VAL B 93 -1.17 16.53 9.18
N VAL B 94 -0.54 17.69 9.04
CA VAL B 94 -1.02 18.72 8.14
C VAL B 94 0.13 19.19 7.26
N LEU B 95 -0.15 19.39 5.98
CA LEU B 95 0.83 19.99 5.09
C LEU B 95 0.91 21.49 5.31
N HIS B 96 2.14 22.00 5.39
CA HIS B 96 2.35 23.44 5.46
C HIS B 96 3.19 24.00 4.33
N ARG B 97 4.28 23.35 3.96
CA ARG B 97 5.25 23.99 3.07
C ARG B 97 5.86 22.96 2.14
N ALA B 98 5.73 23.22 0.84
CA ALA B 98 6.35 22.38 -0.16
C ALA B 98 7.86 22.59 -0.15
N VAL B 99 8.60 21.49 -0.19
CA VAL B 99 10.05 21.54 -0.25
C VAL B 99 10.47 21.30 -1.70
N PRO B 100 11.16 22.23 -2.34
CA PRO B 100 11.60 22.09 -3.72
C PRO B 100 12.87 21.26 -3.86
N PRO C 2 12.10 -3.23 -5.25
CA PRO C 2 10.64 -3.31 -5.06
C PRO C 2 10.21 -4.58 -4.33
N VAL C 3 9.15 -4.48 -3.52
CA VAL C 3 8.75 -5.56 -2.65
C VAL C 3 7.29 -5.82 -2.87
N PTR C 4 6.47 -4.78 -2.77
CA PTR C 4 4.99 -4.93 -2.88
C PTR C 4 4.50 -4.53 -4.27
O PTR C 4 5.08 -3.68 -4.94
CB PTR C 4 4.31 -4.08 -1.80
CG PTR C 4 4.54 -4.64 -0.43
CD1 PTR C 4 3.86 -5.74 0.00
CD2 PTR C 4 5.53 -4.10 0.39
CE1 PTR C 4 4.11 -6.29 1.25
CE2 PTR C 4 5.78 -4.64 1.65
CZ PTR C 4 5.09 -5.74 2.07
OH PTR C 4 5.31 -6.33 3.26
P PTR C 4 6.37 -5.95 4.41
O1P PTR C 4 6.19 -7.03 5.42
O2P PTR C 4 7.79 -5.81 3.85
O3P PTR C 4 5.83 -4.59 4.83
HA PTR C 4 4.75 -5.86 -2.73
HB2 PTR C 4 3.35 -4.07 -1.97
HB3 PTR C 4 4.67 -3.18 -1.83
HD1 PTR C 4 3.22 -6.13 -0.54
HD2 PTR C 4 6.01 -3.36 0.11
HE1 PTR C 4 3.64 -7.03 1.53
HE2 PTR C 4 6.44 -4.28 2.19
N GLU C 5 3.43 -5.17 -4.69
CA GLU C 5 2.75 -4.83 -5.94
C GLU C 5 2.10 -3.46 -5.87
N PRO C 6 1.73 -2.91 -7.02
CA PRO C 6 1.17 -1.55 -7.06
C PRO C 6 -0.09 -1.41 -6.21
N VAL C 7 -0.29 -0.20 -5.70
CA VAL C 7 -1.48 0.16 -4.92
C VAL C 7 -2.27 1.30 -5.55
N PRO D 2 7.84 -0.45 11.37
CA PRO D 2 6.81 0.25 10.59
C PRO D 2 7.38 1.51 9.95
N VAL D 3 7.04 1.76 8.70
CA VAL D 3 7.52 2.90 7.96
C VAL D 3 6.31 3.72 7.45
N PTR D 4 5.32 3.04 6.87
CA PTR D 4 4.22 3.71 6.19
C PTR D 4 3.00 3.74 7.08
O PTR D 4 2.75 2.85 7.90
CB PTR D 4 3.97 3.06 4.81
CG PTR D 4 5.14 3.31 3.89
CD1 PTR D 4 5.26 4.52 3.24
CD2 PTR D 4 6.16 2.37 3.72
CE1 PTR D 4 6.34 4.78 2.43
CE2 PTR D 4 7.26 2.64 2.92
CZ PTR D 4 7.34 3.87 2.28
OH PTR D 4 8.37 4.25 1.53
P PTR D 4 9.57 3.32 0.95
O1P PTR D 4 10.36 2.64 2.08
O2P PTR D 4 10.42 4.23 0.05
O3P PTR D 4 8.79 2.32 0.13
HA PTR D 4 4.47 4.64 6.01
HB2 PTR D 4 3.17 3.44 4.41
HB3 PTR D 4 3.87 2.10 4.92
HD1 PTR D 4 4.60 5.16 3.35
HD2 PTR D 4 6.11 1.55 4.17
HE1 PTR D 4 6.40 5.62 2.02
HE2 PTR D 4 7.94 2.01 2.83
N GLU D 5 2.25 4.81 6.92
CA GLU D 5 0.95 4.94 7.56
C GLU D 5 -0.04 3.91 7.02
N PRO D 6 -1.12 3.70 7.77
CA PRO D 6 -2.01 2.56 7.47
C PRO D 6 -2.56 2.56 6.06
N VAL D 7 -2.62 1.37 5.48
CA VAL D 7 -3.26 1.08 4.19
C VAL D 7 -4.15 -0.12 4.44
NA NA E . -2.53 -4.00 -3.50
CL CL F . 12.29 30.51 5.20
#